data_6ZR3
#
_entry.id   6ZR3
#
_cell.length_a   119.019
_cell.length_b   119.019
_cell.length_c   44.310
_cell.angle_alpha   90.000
_cell.angle_beta   90.000
_cell.angle_gamma   90.000
#
_symmetry.space_group_name_H-M   'P 4'
#
loop_
_entity.id
_entity.type
_entity.pdbx_description
1 polymer 'Fibrinogen C domain-containing protein 1'
2 branched alpha-L-fucopyranose-(1-3)-2-acetamido-2-deoxy-beta-D-glucopyranose
3 non-polymer 'CALCIUM ION'
4 non-polymer 'SULFATE ION'
5 non-polymer GLYCEROL
6 non-polymer 2-acetamido-2-deoxy-4-O-sulfo-beta-D-galactopyranose
7 non-polymer 'ACETIC ACID'
8 water water
#
_entity_poly.entity_id   1
_entity_poly.type   'polypeptide(L)'
_entity_poly.pdbx_seq_one_letter_code
;ATGSRPRDCLDVLLSGQQDDGVYSVFPTHYPAGFQVYCDMRTDGGGWTVFQRREDGSVNFFRGWDAYRDGFGRLTGEHWL
GLKRIHALTTQAAYELHVDLEDFENGTAYARYGSFGVGLFSVDPEEDGYPLTVADYSGTAGDSLLKHSGMRFTTKDRDSD
HSENNCAAFYRGAWWYRNCHTSNLNGQYLRGAHASYADGVEWSSWTGWQYSLKFSEMKIRPVREDR
;
_entity_poly.pdbx_strand_id   A,B
#
loop_
_chem_comp.id
_chem_comp.type
_chem_comp.name
_chem_comp.formula
ACY non-polymer 'ACETIC ACID' 'C2 H4 O2'
ASG D-saccharide, beta linking 2-acetamido-2-deoxy-4-O-sulfo-beta-D-galactopyranose 'C8 H15 N O9 S'
CA non-polymer 'CALCIUM ION' 'Ca 2'
FUC L-saccharide, alpha linking alpha-L-fucopyranose 'C6 H12 O5'
GOL non-polymer GLYCEROL 'C3 H8 O3'
NAG D-saccharide, beta linking 2-acetamido-2-deoxy-beta-D-glucopyranose 'C8 H15 N O6'
SO4 non-polymer 'SULFATE ION' 'O4 S -2'
#
# COMPACT_ATOMS: atom_id res chain seq x y z
N SER A 4 20.91 6.26 55.18
CA SER A 4 19.94 6.91 56.12
C SER A 4 19.19 8.05 55.43
N ARG A 5 19.92 8.92 54.71
CA ARG A 5 19.34 10.07 53.95
C ARG A 5 19.86 10.05 52.52
N PRO A 6 19.37 9.11 51.69
CA PRO A 6 19.70 9.10 50.27
C PRO A 6 19.13 10.38 49.62
N ARG A 7 19.87 10.97 48.70
CA ARG A 7 19.50 12.25 48.04
C ARG A 7 18.63 11.95 46.81
N ASP A 8 18.59 10.69 46.38
CA ASP A 8 17.94 10.23 45.12
C ASP A 8 17.96 8.70 45.10
N CYS A 9 17.38 8.12 44.06
CA CYS A 9 17.23 6.65 43.89
C CYS A 9 18.60 6.00 43.65
N LEU A 10 19.62 6.72 43.17
CA LEU A 10 20.96 6.09 43.03
C LEU A 10 21.52 5.84 44.44
N ASP A 11 21.40 6.80 45.35
CA ASP A 11 21.82 6.61 46.78
C ASP A 11 21.05 5.42 47.37
N VAL A 12 19.74 5.32 47.10
CA VAL A 12 18.91 4.18 47.59
C VAL A 12 19.53 2.88 47.06
N LEU A 13 19.80 2.80 45.76
CA LEU A 13 20.38 1.59 45.13
C LEU A 13 21.71 1.24 45.82
N LEU A 14 22.63 2.20 45.94
CA LEU A 14 24.01 1.96 46.44
C LEU A 14 23.99 1.61 47.93
N SER A 15 22.90 1.94 48.65
CA SER A 15 22.69 1.57 50.08
C SER A 15 22.26 0.12 50.21
N GLY A 16 21.88 -0.53 49.10
CA GLY A 16 21.60 -1.99 49.07
C GLY A 16 20.14 -2.32 48.81
N GLN A 17 19.32 -1.35 48.42
CA GLN A 17 17.90 -1.55 48.01
C GLN A 17 17.82 -1.80 46.50
N GLN A 18 17.56 -3.05 46.09
CA GLN A 18 17.64 -3.48 44.67
C GLN A 18 16.24 -3.57 44.03
N ASP A 19 15.16 -3.52 44.80
CA ASP A 19 13.78 -3.67 44.23
C ASP A 19 13.27 -2.33 43.68
N ASP A 20 12.63 -2.37 42.51
CA ASP A 20 11.79 -1.26 42.02
C ASP A 20 10.78 -0.93 43.11
N GLY A 21 10.43 0.34 43.31
CA GLY A 21 9.35 0.70 44.24
C GLY A 21 9.48 2.12 44.77
N VAL A 22 8.71 2.40 45.81
CA VAL A 22 8.58 3.75 46.42
C VAL A 22 9.57 3.84 47.56
N TYR A 23 10.38 4.90 47.57
CA TYR A 23 11.40 5.16 48.61
C TYR A 23 11.40 6.66 48.95
N SER A 24 11.83 6.94 50.18
CA SER A 24 12.12 8.29 50.72
C SER A 24 13.46 8.76 50.18
N VAL A 25 13.49 9.98 49.63
CA VAL A 25 14.74 10.69 49.23
C VAL A 25 14.72 12.09 49.85
N PHE A 26 15.89 12.69 50.01
CA PHE A 26 16.10 13.94 50.78
C PHE A 26 17.07 14.84 50.03
N PRO A 27 16.61 15.59 49.03
CA PRO A 27 17.50 16.49 48.28
C PRO A 27 18.11 17.56 49.19
N THR A 28 19.28 18.05 48.78
CA THR A 28 20.11 19.03 49.53
C THR A 28 19.25 20.21 50.04
N HIS A 29 18.44 20.82 49.19
CA HIS A 29 17.64 22.02 49.55
C HIS A 29 16.16 21.67 49.76
N TYR A 30 15.83 20.38 49.96
CA TYR A 30 14.46 19.92 50.30
C TYR A 30 14.59 18.91 51.44
N PRO A 31 15.10 19.33 52.61
CA PRO A 31 15.54 18.39 53.64
C PRO A 31 14.40 17.62 54.34
N ALA A 32 13.16 18.10 54.28
CA ALA A 32 11.95 17.34 54.71
C ALA A 32 11.90 16.02 53.93
N GLY A 33 12.34 16.06 52.68
CA GLY A 33 12.32 14.91 51.77
C GLY A 33 10.91 14.61 51.27
N PHE A 34 10.80 13.63 50.40
CA PHE A 34 9.51 13.14 49.85
C PHE A 34 9.72 11.73 49.30
N GLN A 35 8.62 11.09 48.91
CA GLN A 35 8.67 9.72 48.35
C GLN A 35 8.65 9.83 46.82
N VAL A 36 9.37 8.91 46.18
CA VAL A 36 9.46 8.77 44.70
C VAL A 36 9.36 7.29 44.35
N TYR A 37 9.09 7.01 43.08
CA TYR A 37 9.26 5.66 42.50
C TYR A 37 10.68 5.53 41.93
N CYS A 38 11.42 4.51 42.38
CA CYS A 38 12.78 4.21 41.92
C CYS A 38 12.73 3.05 40.92
N ASP A 39 13.30 3.26 39.74
CA ASP A 39 13.57 2.21 38.71
C ASP A 39 14.98 1.68 38.97
N MET A 40 15.07 0.48 39.54
CA MET A 40 16.34 -0.18 39.93
C MET A 40 16.80 -1.17 38.86
N ARG A 41 16.24 -1.11 37.64
CA ARG A 41 16.49 -2.11 36.57
C ARG A 41 17.18 -1.48 35.36
N THR A 42 16.64 -0.38 34.82
CA THR A 42 17.13 0.26 33.57
C THR A 42 18.61 0.60 33.67
N ASP A 43 19.44 0.05 32.77
CA ASP A 43 20.88 0.36 32.60
C ASP A 43 21.60 0.28 33.96
N GLY A 44 21.34 -0.76 34.74
CA GLY A 44 21.95 -0.93 36.07
C GLY A 44 21.17 -0.29 37.20
N GLY A 45 20.19 0.59 36.93
CA GLY A 45 19.23 1.09 37.94
C GLY A 45 19.68 2.37 38.63
N GLY A 46 18.87 2.86 39.58
CA GLY A 46 19.11 4.09 40.35
C GLY A 46 18.41 5.29 39.74
N TRP A 47 17.31 5.09 39.02
CA TRP A 47 16.57 6.16 38.30
C TRP A 47 15.42 6.67 39.18
N THR A 48 15.35 7.98 39.39
CA THR A 48 14.22 8.67 40.07
C THR A 48 13.17 9.03 39.02
N VAL A 49 11.99 8.43 39.11
CA VAL A 49 10.85 8.69 38.19
C VAL A 49 10.24 10.05 38.57
N PHE A 50 9.90 10.90 37.59
CA PHE A 50 9.10 12.14 37.83
C PHE A 50 7.86 12.24 36.93
N GLN A 51 7.68 11.37 35.94
CA GLN A 51 6.46 11.35 35.09
C GLN A 51 6.18 9.91 34.66
N ARG A 52 4.91 9.53 34.66
CA ARG A 52 4.47 8.21 34.14
C ARG A 52 3.06 8.37 33.55
N ARG A 53 2.90 7.92 32.30
CA ARG A 53 1.60 7.66 31.62
C ARG A 53 1.53 6.16 31.37
N GLU A 54 0.37 5.53 31.59
CA GLU A 54 0.21 4.07 31.29
C GLU A 54 -1.23 3.67 30.96
N ASP A 55 -2.27 4.48 31.26
CA ASP A 55 -3.67 4.00 31.10
C ASP A 55 -4.72 5.12 31.04
N GLY A 56 -4.35 6.41 31.15
CA GLY A 56 -5.29 7.53 31.03
C GLY A 56 -6.22 7.70 32.23
N SER A 57 -5.93 7.04 33.35
CA SER A 57 -6.74 7.11 34.60
C SER A 57 -6.56 8.48 35.27
N VAL A 58 -5.47 9.20 35.03
CA VAL A 58 -5.18 10.50 35.67
C VAL A 58 -5.29 11.65 34.67
N ASN A 59 -5.96 12.73 35.08
CA ASN A 59 -6.09 13.96 34.26
C ASN A 59 -4.76 14.71 34.28
N PHE A 60 -4.11 14.90 33.12
CA PHE A 60 -2.86 15.69 32.99
C PHE A 60 -3.15 17.09 32.44
N PHE A 61 -4.40 17.44 32.16
CA PHE A 61 -4.73 18.80 31.67
C PHE A 61 -4.98 19.71 32.87
N ARG A 62 -3.88 20.04 33.56
CA ARG A 62 -3.91 20.67 34.90
C ARG A 62 -3.23 22.04 34.82
N GLY A 63 -3.51 22.87 35.81
CA GLY A 63 -2.97 24.24 35.89
C GLY A 63 -1.59 24.29 36.51
N TRP A 64 -1.08 25.50 36.61
CA TRP A 64 0.26 25.82 37.16
C TRP A 64 0.49 25.15 38.52
N ASP A 65 -0.43 25.32 39.47
CA ASP A 65 -0.24 24.85 40.86
C ASP A 65 -0.04 23.33 40.87
N ALA A 66 -0.80 22.60 40.07
CA ALA A 66 -0.73 21.12 39.99
C ALA A 66 0.64 20.69 39.43
N TYR A 67 1.14 21.40 38.40
CA TYR A 67 2.45 21.08 37.77
C TYR A 67 3.61 21.48 38.68
N ARG A 68 3.46 22.52 39.50
CA ARG A 68 4.43 22.87 40.55
C ARG A 68 4.43 21.78 41.63
N ASP A 69 3.25 21.40 42.14
CA ASP A 69 3.13 20.63 43.40
C ASP A 69 3.05 19.12 43.17
N GLY A 70 2.75 18.68 41.95
CA GLY A 70 2.62 17.25 41.59
C GLY A 70 1.18 16.76 41.74
N PHE A 71 0.86 15.65 41.08
CA PHE A 71 -0.47 14.99 41.10
C PHE A 71 -0.32 13.53 40.68
N GLY A 72 -1.39 12.76 40.85
CA GLY A 72 -1.45 11.32 40.62
C GLY A 72 -0.78 10.55 41.73
N ARG A 73 -0.48 9.28 41.48
CA ARG A 73 0.08 8.35 42.49
C ARG A 73 1.40 7.77 41.98
N LEU A 74 2.34 7.57 42.90
CA LEU A 74 3.73 7.12 42.62
C LEU A 74 3.73 5.72 41.99
N THR A 75 2.73 4.89 42.29
CA THR A 75 2.58 3.49 41.82
C THR A 75 1.87 3.46 40.46
N GLY A 76 1.33 4.59 40.00
CA GLY A 76 0.63 4.69 38.71
C GLY A 76 1.04 5.93 37.92
N GLU A 77 0.07 6.53 37.24
CA GLU A 77 0.27 7.78 36.46
C GLU A 77 0.52 8.91 37.45
N HIS A 78 1.54 9.73 37.21
CA HIS A 78 1.84 10.88 38.09
C HIS A 78 2.78 11.84 37.39
N TRP A 79 2.81 13.03 37.98
CA TRP A 79 3.81 14.10 37.75
C TRP A 79 4.34 14.46 39.13
N LEU A 80 5.64 14.30 39.35
CA LEU A 80 6.23 14.43 40.72
C LEU A 80 6.14 15.89 41.18
N GLY A 81 6.09 16.85 40.25
CA GLY A 81 5.99 18.27 40.58
C GLY A 81 7.31 18.99 40.32
N LEU A 82 7.24 20.15 39.67
CA LEU A 82 8.42 20.90 39.21
C LEU A 82 9.26 21.36 40.42
N LYS A 83 8.65 21.64 41.57
CA LYS A 83 9.40 22.04 42.77
C LYS A 83 10.31 20.88 43.20
N ARG A 84 9.85 19.64 43.09
CA ARG A 84 10.63 18.44 43.47
C ARG A 84 11.68 18.14 42.40
N ILE A 85 11.34 18.30 41.12
CA ILE A 85 12.26 18.04 39.97
C ILE A 85 13.39 19.07 40.03
N HIS A 86 13.09 20.32 40.40
CA HIS A 86 14.10 21.38 40.65
C HIS A 86 15.02 20.98 41.81
N ALA A 87 14.45 20.52 42.93
CA ALA A 87 15.24 20.13 44.13
C ALA A 87 16.21 19.00 43.78
N LEU A 88 15.78 18.06 42.94
CA LEU A 88 16.62 16.92 42.51
C LEU A 88 17.70 17.40 41.53
N THR A 89 17.34 18.08 40.45
CA THR A 89 18.26 18.33 39.31
C THR A 89 19.29 19.43 39.62
N THR A 90 19.09 20.25 40.65
CA THR A 90 20.04 21.32 41.05
C THR A 90 21.10 20.81 42.05
N GLN A 91 20.92 19.62 42.65
CA GLN A 91 21.80 19.12 43.74
C GLN A 91 23.03 18.39 43.15
N ALA A 92 22.96 18.02 41.88
CA ALA A 92 24.00 17.30 41.12
C ALA A 92 23.65 17.35 39.63
N ALA A 93 24.54 16.86 38.77
CA ALA A 93 24.37 16.82 37.30
C ALA A 93 23.65 15.52 36.95
N TYR A 94 22.46 15.62 36.38
CA TYR A 94 21.60 14.44 36.12
C TYR A 94 21.50 14.19 34.61
N GLU A 95 21.36 12.93 34.26
CA GLU A 95 20.88 12.52 32.92
C GLU A 95 19.39 12.18 33.03
N LEU A 96 18.69 12.31 31.91
CA LEU A 96 17.26 11.96 31.76
C LEU A 96 17.15 10.71 30.88
N HIS A 97 16.31 9.78 31.30
CA HIS A 97 15.92 8.59 30.50
C HIS A 97 14.42 8.68 30.25
N VAL A 98 14.00 8.58 28.99
CA VAL A 98 12.56 8.54 28.59
C VAL A 98 12.28 7.19 27.94
N ASP A 99 11.46 6.36 28.59
CA ASP A 99 10.92 5.09 28.05
C ASP A 99 9.54 5.35 27.46
N LEU A 100 9.31 4.83 26.25
CA LEU A 100 8.06 5.00 25.48
C LEU A 100 7.56 3.62 25.05
N GLU A 101 6.24 3.46 24.95
CA GLU A 101 5.58 2.25 24.39
C GLU A 101 4.39 2.72 23.55
N ASP A 102 4.21 2.12 22.35
CA ASP A 102 3.04 2.37 21.46
C ASP A 102 1.99 1.29 21.77
N PHE A 103 0.83 1.32 21.11
CA PHE A 103 -0.27 0.36 21.35
C PHE A 103 -0.07 -0.93 20.54
N GLU A 104 1.08 -1.10 19.86
CA GLU A 104 1.42 -2.36 19.14
C GLU A 104 2.56 -3.08 19.88
N ASN A 105 2.77 -2.74 21.16
CA ASN A 105 3.81 -3.30 22.06
C ASN A 105 5.21 -3.00 21.53
N GLY A 106 5.37 -2.02 20.64
CA GLY A 106 6.68 -1.43 20.34
C GLY A 106 7.17 -0.57 21.51
N THR A 107 8.47 -0.61 21.80
CA THR A 107 9.12 0.24 22.82
C THR A 107 10.30 0.96 22.15
N ALA A 108 10.66 2.11 22.70
CA ALA A 108 11.85 2.91 22.33
C ALA A 108 12.23 3.76 23.55
N TYR A 109 13.40 4.38 23.52
CA TYR A 109 13.91 5.19 24.64
C TYR A 109 14.72 6.34 24.06
N ALA A 110 14.76 7.44 24.80
CA ALA A 110 15.71 8.55 24.56
C ALA A 110 16.47 8.78 25.86
N ARG A 111 17.78 8.99 25.74
CA ARG A 111 18.70 9.31 26.86
C ARG A 111 19.28 10.68 26.57
N TYR A 112 19.32 11.53 27.58
CA TYR A 112 19.91 12.87 27.52
C TYR A 112 21.00 12.95 28.59
N GLY A 113 22.24 13.22 28.18
CA GLY A 113 23.44 13.22 29.06
C GLY A 113 23.36 14.33 30.09
N SER A 114 22.52 15.33 29.83
CA SER A 114 22.35 16.51 30.70
C SER A 114 20.87 16.89 30.76
N PHE A 115 20.33 17.10 31.97
CA PHE A 115 18.92 17.47 32.22
C PHE A 115 18.80 18.26 33.51
N GLY A 116 18.07 19.38 33.46
CA GLY A 116 17.73 20.15 34.67
C GLY A 116 16.55 21.06 34.40
N VAL A 117 15.91 21.54 35.48
CA VAL A 117 14.82 22.55 35.43
C VAL A 117 15.15 23.67 36.43
N GLY A 118 15.10 24.92 35.95
CA GLY A 118 15.34 26.14 36.74
C GLY A 118 16.72 26.14 37.38
N LEU A 119 17.73 25.65 36.67
CA LEU A 119 19.03 25.23 37.27
C LEU A 119 19.66 26.38 38.07
N PHE A 120 19.61 27.60 37.55
CA PHE A 120 20.30 28.78 38.15
C PHE A 120 19.29 29.90 38.45
N SER A 121 18.00 29.60 38.40
CA SER A 121 16.91 30.54 38.72
C SER A 121 16.93 30.85 40.22
N VAL A 122 16.97 32.12 40.61
CA VAL A 122 16.83 32.52 42.05
C VAL A 122 15.45 32.06 42.53
N ASP A 123 14.41 32.31 41.73
CA ASP A 123 13.02 31.87 41.99
C ASP A 123 12.59 31.00 40.82
N PRO A 124 12.85 29.67 40.86
CA PRO A 124 12.54 28.81 39.72
C PRO A 124 11.07 28.85 39.30
N GLU A 125 10.15 29.05 40.25
CA GLU A 125 8.70 29.15 39.97
C GLU A 125 8.44 30.42 39.12
N GLU A 126 8.79 31.59 39.63
CA GLU A 126 8.69 32.90 38.92
C GLU A 126 9.31 32.73 37.52
N ASP A 127 10.50 32.14 37.47
CA ASP A 127 11.33 32.02 36.24
C ASP A 127 10.74 30.96 35.30
N GLY A 128 9.74 30.18 35.72
CA GLY A 128 9.00 29.22 34.88
C GLY A 128 9.73 27.90 34.67
N TYR A 129 10.59 27.50 35.61
CA TYR A 129 11.31 26.19 35.62
C TYR A 129 11.89 25.89 34.24
N PRO A 130 12.72 26.78 33.68
CA PRO A 130 13.22 26.60 32.32
C PRO A 130 14.03 25.30 32.13
N LEU A 131 13.86 24.65 30.99
CA LEU A 131 14.51 23.35 30.67
C LEU A 131 15.97 23.53 30.27
N THR A 132 16.86 22.74 30.87
CA THR A 132 18.23 22.44 30.38
C THR A 132 18.25 21.00 29.92
N VAL A 133 18.60 20.73 28.67
CA VAL A 133 18.68 19.34 28.15
C VAL A 133 19.68 19.31 26.98
N ALA A 134 20.54 18.29 26.94
CA ALA A 134 21.62 18.13 25.94
C ALA A 134 22.05 16.67 25.81
N ASP A 135 22.70 16.34 24.69
CA ASP A 135 23.46 15.08 24.48
C ASP A 135 22.49 13.88 24.38
N TYR A 136 21.73 13.83 23.29
CA TYR A 136 20.75 12.76 22.97
C TYR A 136 21.47 11.47 22.53
N SER A 137 20.97 10.32 22.96
CA SER A 137 21.21 8.99 22.34
C SER A 137 19.96 8.12 22.54
N GLY A 138 19.80 7.07 21.73
CA GLY A 138 18.75 6.04 21.92
C GLY A 138 18.00 5.72 20.65
N THR A 139 16.82 5.09 20.78
CA THR A 139 16.05 4.47 19.67
C THR A 139 14.80 5.31 19.32
N ALA A 140 14.34 6.19 20.21
CA ALA A 140 13.07 6.94 20.01
C ALA A 140 13.31 8.12 19.08
N GLY A 141 14.57 8.53 18.89
CA GLY A 141 14.92 9.81 18.25
C GLY A 141 14.79 10.96 19.24
N ASP A 142 15.38 12.10 18.90
CA ASP A 142 15.34 13.31 19.76
C ASP A 142 14.07 14.08 19.47
N SER A 143 13.24 14.33 20.50
CA SER A 143 12.07 15.23 20.41
C SER A 143 12.09 16.25 21.56
N LEU A 144 13.25 16.50 22.18
CA LEU A 144 13.35 17.38 23.37
C LEU A 144 14.37 18.51 23.17
N LEU A 145 15.43 18.34 22.37
CA LEU A 145 16.51 19.36 22.27
C LEU A 145 15.94 20.71 21.84
N LYS A 146 14.94 20.74 20.97
CA LYS A 146 14.37 21.99 20.43
C LYS A 146 13.71 22.77 21.58
N HIS A 147 13.37 22.10 22.68
CA HIS A 147 12.71 22.71 23.87
C HIS A 147 13.74 23.31 24.81
N SER A 148 15.04 23.03 24.63
CA SER A 148 16.11 23.50 25.55
C SER A 148 15.96 25.01 25.77
N GLY A 149 15.98 25.45 27.02
CA GLY A 149 15.98 26.89 27.37
C GLY A 149 14.58 27.45 27.45
N MET A 150 13.54 26.64 27.22
CA MET A 150 12.15 27.14 27.22
C MET A 150 11.59 27.02 28.64
N ARG A 151 10.79 28.00 29.05
CA ARG A 151 10.04 27.96 30.32
C ARG A 151 8.90 26.93 30.16
N PHE A 152 8.40 26.43 31.29
CA PHE A 152 7.25 25.50 31.33
C PHE A 152 5.96 26.32 31.24
N THR A 153 5.04 25.87 30.39
CA THR A 153 3.74 26.55 30.13
C THR A 153 2.58 25.61 30.45
N THR A 154 1.58 26.13 31.17
CA THR A 154 0.29 25.48 31.44
C THR A 154 -0.83 26.34 30.86
N LYS A 155 -2.06 25.82 30.83
CA LYS A 155 -3.26 26.49 30.29
C LYS A 155 -3.49 27.85 30.98
N ASP A 156 -3.04 28.03 32.23
CA ASP A 156 -3.29 29.28 33.02
C ASP A 156 -2.01 30.10 33.20
N ARG A 157 -0.87 29.71 32.60
CA ARG A 157 0.40 30.47 32.75
C ARG A 157 1.25 30.31 31.49
N ASP A 158 1.23 31.33 30.64
CA ASP A 158 1.78 31.31 29.26
C ASP A 158 3.16 31.99 29.25
N SER A 159 4.23 31.23 29.02
CA SER A 159 5.63 31.71 28.88
C SER A 159 6.25 31.21 27.57
N ASP A 160 5.42 30.77 26.61
CA ASP A 160 5.89 30.09 25.36
C ASP A 160 6.23 31.15 24.30
N HIS A 161 6.54 30.72 23.08
CA HIS A 161 6.91 31.57 21.91
C HIS A 161 5.85 31.48 20.80
N SER A 162 4.63 31.10 21.14
CA SER A 162 3.42 31.33 20.30
C SER A 162 2.76 32.63 20.76
N GLU A 163 1.94 33.26 19.91
CA GLU A 163 1.04 34.37 20.30
C GLU A 163 -0.24 33.77 20.90
N ASN A 164 -0.44 32.45 20.76
CA ASN A 164 -1.45 31.65 21.49
C ASN A 164 -0.81 31.04 22.75
N ASN A 165 -1.61 30.36 23.58
CA ASN A 165 -1.12 29.51 24.72
C ASN A 165 -0.99 28.07 24.18
N CYS A 166 0.26 27.63 23.94
CA CYS A 166 0.61 26.28 23.40
C CYS A 166 0.00 25.16 24.24
N ALA A 167 -0.06 25.33 25.57
CA ALA A 167 -0.59 24.33 26.54
C ALA A 167 -2.11 24.17 26.37
N ALA A 168 -2.85 25.29 26.29
CA ALA A 168 -4.31 25.30 26.00
C ALA A 168 -4.57 24.57 24.67
N PHE A 169 -3.84 24.98 23.63
CA PHE A 169 -4.01 24.57 22.21
C PHE A 169 -3.69 23.08 22.05
N TYR A 170 -2.57 22.60 22.62
CA TYR A 170 -2.11 21.19 22.48
C TYR A 170 -2.46 20.39 23.74
N ARG A 171 -3.36 20.93 24.57
CA ARG A 171 -4.06 20.24 25.68
C ARG A 171 -3.06 19.48 26.56
N GLY A 172 -2.01 20.18 27.00
CA GLY A 172 -1.01 19.58 27.90
C GLY A 172 -0.29 20.64 28.72
N ALA A 173 0.95 20.35 29.07
CA ALA A 173 1.83 21.20 29.89
C ALA A 173 3.26 20.75 29.63
N TRP A 174 4.13 21.66 29.21
CA TRP A 174 5.45 21.33 28.63
C TRP A 174 6.31 22.60 28.54
N TRP A 175 7.57 22.42 28.19
CA TRP A 175 8.52 23.53 27.91
C TRP A 175 8.33 23.96 26.46
N TYR A 176 7.17 24.56 26.16
CA TYR A 176 6.69 24.89 24.80
C TYR A 176 7.50 26.03 24.19
N ARG A 177 7.82 25.86 22.91
CA ARG A 177 8.47 26.88 22.04
C ARG A 177 7.39 27.47 21.13
N ASN A 178 7.16 26.89 19.95
CA ASN A 178 6.15 27.38 18.97
C ASN A 178 5.76 26.28 17.99
N CYS A 179 5.26 25.14 18.49
CA CYS A 179 4.99 24.92 19.90
C CYS A 179 5.79 23.72 20.44
N HIS A 180 5.87 22.58 19.73
CA HIS A 180 6.51 21.36 20.30
C HIS A 180 6.89 20.30 19.28
N THR A 181 7.86 19.45 19.67
CA THR A 181 8.22 18.14 19.07
C THR A 181 7.89 16.99 20.03
N SER A 182 7.69 17.27 21.33
CA SER A 182 7.20 16.27 22.32
C SER A 182 6.09 16.91 23.18
N ASN A 183 5.18 16.08 23.69
CA ASN A 183 4.01 16.53 24.50
C ASN A 183 3.60 15.35 25.37
N LEU A 184 4.49 14.83 26.23
CA LEU A 184 4.22 13.57 26.99
C LEU A 184 3.18 13.79 28.09
N ASN A 185 2.79 15.04 28.36
CA ASN A 185 1.75 15.43 29.34
C ASN A 185 0.43 15.72 28.63
N GLY A 186 0.32 15.40 27.34
CA GLY A 186 -0.89 15.64 26.53
C GLY A 186 -2.01 14.68 26.88
N GLN A 187 -3.17 14.82 26.22
CA GLN A 187 -4.35 13.97 26.51
C GLN A 187 -4.02 12.51 26.14
N TYR A 188 -4.58 11.57 26.89
CA TYR A 188 -4.40 10.12 26.66
C TYR A 188 -5.43 9.68 25.61
N LEU A 189 -5.10 9.87 24.33
CA LEU A 189 -6.04 9.71 23.20
C LEU A 189 -5.95 8.30 22.60
N ARG A 190 -5.01 7.46 23.05
CA ARG A 190 -4.94 6.02 22.72
C ARG A 190 -4.70 5.81 21.22
N GLY A 191 -3.46 6.04 20.76
CA GLY A 191 -3.00 5.72 19.40
C GLY A 191 -3.31 6.83 18.41
N ALA A 192 -3.57 6.46 17.15
CA ALA A 192 -3.75 7.40 16.02
C ALA A 192 -4.99 8.26 16.32
N HIS A 193 -4.94 9.56 16.01
CA HIS A 193 -6.04 10.53 16.27
C HIS A 193 -6.05 11.62 15.21
N ALA A 194 -7.24 12.19 14.96
CA ALA A 194 -7.51 13.22 13.94
C ALA A 194 -6.99 14.59 14.42
N SER A 195 -7.17 14.93 15.70
CA SER A 195 -6.70 16.21 16.28
C SER A 195 -5.18 16.32 16.10
N TYR A 196 -4.66 17.54 15.96
CA TYR A 196 -3.22 17.77 15.67
C TYR A 196 -2.44 17.96 17.00
N ALA A 197 -1.57 16.99 17.30
CA ALA A 197 -0.42 17.07 18.25
C ALA A 197 -0.87 17.33 19.70
N ASP A 198 -2.08 16.92 20.08
CA ASP A 198 -2.65 17.21 21.42
C ASP A 198 -2.74 15.93 22.26
N GLY A 199 -2.05 14.85 21.86
CA GLY A 199 -1.98 13.59 22.62
C GLY A 199 -0.63 13.41 23.30
N VAL A 200 -0.34 12.20 23.79
CA VAL A 200 1.00 11.84 24.37
C VAL A 200 1.97 11.64 23.18
N GLU A 201 2.54 12.74 22.69
CA GLU A 201 3.28 12.78 21.40
C GLU A 201 4.80 12.73 21.68
N TRP A 202 5.50 11.84 20.96
CA TRP A 202 6.97 11.88 20.78
C TRP A 202 7.25 11.81 19.28
N SER A 203 7.32 12.97 18.63
CA SER A 203 7.14 13.18 17.17
C SER A 203 8.21 12.44 16.37
N SER A 204 9.45 12.38 16.87
CA SER A 204 10.61 11.74 16.19
C SER A 204 10.38 10.24 16.06
N TRP A 205 9.52 9.65 16.89
CA TRP A 205 9.22 8.19 16.88
C TRP A 205 7.91 7.95 16.11
N THR A 206 6.79 8.54 16.55
CA THR A 206 5.43 8.15 16.11
C THR A 206 4.63 9.36 15.56
N GLY A 207 5.30 10.43 15.14
CA GLY A 207 4.67 11.58 14.47
C GLY A 207 3.86 12.46 15.41
N TRP A 208 3.07 13.37 14.84
CA TRP A 208 2.28 14.40 15.58
C TRP A 208 0.81 13.99 15.72
N GLN A 209 0.42 12.78 15.30
CA GLN A 209 -0.99 12.31 15.42
C GLN A 209 -1.01 10.88 15.96
N TYR A 210 -0.20 10.60 16.97
CA TYR A 210 -0.18 9.28 17.63
C TYR A 210 0.09 9.45 19.13
N SER A 211 -0.92 9.14 19.93
CA SER A 211 -0.89 9.21 21.40
C SER A 211 -0.37 7.87 21.96
N LEU A 212 0.80 7.90 22.58
CA LEU A 212 1.50 6.68 23.08
C LEU A 212 0.72 6.09 24.26
N LYS A 213 0.93 4.80 24.51
CA LYS A 213 0.30 4.02 25.59
C LYS A 213 1.02 4.27 26.91
N PHE A 214 2.35 4.36 26.87
CA PHE A 214 3.23 4.39 28.06
C PHE A 214 4.38 5.36 27.83
N SER A 215 4.64 6.17 28.85
CA SER A 215 5.82 7.06 28.95
C SER A 215 6.30 7.05 30.40
N GLU A 216 7.61 7.09 30.60
CA GLU A 216 8.24 7.27 31.93
C GLU A 216 9.45 8.19 31.73
N MET A 217 9.51 9.27 32.51
CA MET A 217 10.65 10.22 32.51
C MET A 217 11.33 10.07 33.88
N LYS A 218 12.64 9.88 33.88
CA LYS A 218 13.39 9.51 35.11
C LYS A 218 14.82 10.02 34.99
N ILE A 219 15.48 10.22 36.14
CA ILE A 219 16.79 10.91 36.22
C ILE A 219 17.76 10.09 37.08
N ARG A 220 19.04 10.23 36.77
CA ARG A 220 20.15 9.56 37.49
C ARG A 220 21.36 10.45 37.39
N PRO A 221 22.13 10.64 38.49
CA PRO A 221 23.34 11.45 38.45
C PRO A 221 24.30 10.95 37.37
N VAL A 222 24.87 11.88 36.58
CA VAL A 222 25.79 11.57 35.44
C VAL A 222 26.97 10.75 35.97
N ARG B 5 -3.96 -31.23 -14.15
CA ARG B 5 -4.93 -30.34 -14.85
C ARG B 5 -4.17 -29.28 -15.63
N PRO B 6 -3.96 -29.48 -16.95
CA PRO B 6 -3.28 -28.48 -17.77
C PRO B 6 -4.14 -27.21 -17.92
N ARG B 7 -3.50 -26.05 -17.85
CA ARG B 7 -4.20 -24.73 -17.86
C ARG B 7 -4.39 -24.26 -19.32
N ASP B 8 -3.69 -24.89 -20.28
CA ASP B 8 -3.72 -24.56 -21.74
C ASP B 8 -2.99 -25.64 -22.52
N CYS B 9 -2.89 -25.46 -23.84
CA CYS B 9 -2.32 -26.46 -24.77
C CYS B 9 -0.80 -26.62 -24.55
N LEU B 10 -0.11 -25.61 -24.03
CA LEU B 10 1.34 -25.75 -23.74
C LEU B 10 1.50 -26.80 -22.63
N ASP B 11 0.72 -26.71 -21.55
CA ASP B 11 0.75 -27.71 -20.44
C ASP B 11 0.45 -29.09 -21.03
N VAL B 12 -0.49 -29.18 -21.98
CA VAL B 12 -0.88 -30.45 -22.63
C VAL B 12 0.33 -31.01 -23.38
N LEU B 13 0.98 -30.19 -24.22
CA LEU B 13 2.19 -30.58 -25.00
C LEU B 13 3.28 -31.10 -24.05
N LEU B 14 3.63 -30.34 -23.02
CA LEU B 14 4.73 -30.66 -22.06
C LEU B 14 4.41 -31.92 -21.27
N SER B 15 3.13 -32.26 -21.07
CA SER B 15 2.68 -33.52 -20.44
C SER B 15 2.95 -34.73 -21.36
N GLY B 16 3.24 -34.52 -22.65
CA GLY B 16 3.63 -35.61 -23.57
C GLY B 16 2.62 -35.87 -24.66
N GLN B 17 1.60 -35.02 -24.81
CA GLN B 17 0.61 -35.09 -25.91
C GLN B 17 1.12 -34.30 -27.11
N GLN B 18 1.60 -34.98 -28.15
CA GLN B 18 2.32 -34.39 -29.31
C GLN B 18 1.40 -34.18 -30.52
N ASP B 19 0.19 -34.78 -30.52
CA ASP B 19 -0.72 -34.72 -31.69
C ASP B 19 -1.60 -33.48 -31.60
N ASP B 20 -1.77 -32.79 -32.72
CA ASP B 20 -2.85 -31.80 -32.95
C ASP B 20 -4.17 -32.47 -32.58
N GLY B 21 -5.07 -31.75 -31.92
CA GLY B 21 -6.44 -32.25 -31.69
C GLY B 21 -7.12 -31.51 -30.55
N VAL B 22 -8.23 -32.09 -30.08
CA VAL B 22 -9.10 -31.53 -29.02
C VAL B 22 -8.67 -32.10 -27.67
N TYR B 23 -8.40 -31.23 -26.72
CA TYR B 23 -7.97 -31.57 -25.35
C TYR B 23 -8.73 -30.72 -24.33
N SER B 24 -8.82 -31.23 -23.11
CA SER B 24 -9.39 -30.54 -21.92
C SER B 24 -8.33 -29.62 -21.32
N VAL B 25 -8.71 -28.37 -21.06
CA VAL B 25 -7.83 -27.41 -20.33
C VAL B 25 -8.65 -26.79 -19.20
N PHE B 26 -7.96 -26.26 -18.18
CA PHE B 26 -8.56 -25.85 -16.88
C PHE B 26 -7.92 -24.54 -16.45
N PRO B 27 -8.37 -23.39 -16.99
CA PRO B 27 -7.78 -22.11 -16.64
C PRO B 27 -7.96 -21.84 -15.14
N THR B 28 -7.07 -21.02 -14.59
CA THR B 28 -7.00 -20.65 -13.14
C THR B 28 -8.37 -20.25 -12.59
N HIS B 29 -9.12 -19.38 -13.26
CA HIS B 29 -10.42 -18.87 -12.76
C HIS B 29 -11.60 -19.47 -13.54
N TYR B 30 -11.40 -20.61 -14.22
CA TYR B 30 -12.45 -21.38 -14.94
C TYR B 30 -12.23 -22.86 -14.63
N PRO B 31 -12.38 -23.26 -13.35
CA PRO B 31 -11.92 -24.58 -12.90
C PRO B 31 -12.73 -25.77 -13.45
N ALA B 32 -13.98 -25.53 -13.90
CA ALA B 32 -14.80 -26.49 -14.68
C ALA B 32 -14.00 -26.97 -15.89
N GLY B 33 -13.26 -26.04 -16.51
CA GLY B 33 -12.47 -26.29 -17.71
C GLY B 33 -13.37 -26.39 -18.94
N PHE B 34 -12.77 -26.68 -20.07
CA PHE B 34 -13.48 -26.82 -21.36
C PHE B 34 -12.53 -27.46 -22.35
N GLN B 35 -13.05 -27.83 -23.51
CA GLN B 35 -12.25 -28.43 -24.59
C GLN B 35 -11.86 -27.32 -25.55
N VAL B 36 -10.65 -27.46 -26.09
CA VAL B 36 -10.08 -26.55 -27.12
C VAL B 36 -9.38 -27.40 -28.18
N TYR B 37 -9.11 -26.79 -29.32
CA TYR B 37 -8.20 -27.36 -30.35
C TYR B 37 -6.77 -26.90 -30.06
N CYS B 38 -5.85 -27.85 -29.94
CA CYS B 38 -4.41 -27.62 -29.67
C CYS B 38 -3.63 -27.81 -30.97
N ASP B 39 -2.86 -26.78 -31.34
CA ASP B 39 -1.89 -26.82 -32.46
C ASP B 39 -0.55 -27.18 -31.84
N MET B 40 -0.10 -28.41 -32.06
CA MET B 40 1.12 -28.97 -31.44
C MET B 40 2.32 -28.92 -32.41
N ARG B 41 2.20 -28.18 -33.53
CA ARG B 41 3.22 -28.16 -34.63
C ARG B 41 3.86 -26.79 -34.76
N THR B 42 3.08 -25.70 -34.73
CA THR B 42 3.56 -24.33 -35.04
C THR B 42 4.64 -23.88 -34.04
N ASP B 43 5.81 -23.51 -34.56
CA ASP B 43 6.98 -23.01 -33.77
C ASP B 43 7.17 -23.87 -32.52
N GLY B 44 7.11 -25.20 -32.67
CA GLY B 44 7.36 -26.15 -31.58
C GLY B 44 6.08 -26.59 -30.87
N GLY B 45 4.95 -25.93 -31.10
CA GLY B 45 3.63 -26.40 -30.63
C GLY B 45 3.21 -25.78 -29.32
N GLY B 46 2.04 -26.17 -28.80
CA GLY B 46 1.48 -25.69 -27.52
C GLY B 46 0.57 -24.49 -27.69
N TRP B 47 -0.04 -24.34 -28.86
CA TRP B 47 -0.95 -23.21 -29.17
C TRP B 47 -2.39 -23.63 -28.93
N THR B 48 -3.12 -22.80 -28.19
CA THR B 48 -4.58 -22.93 -27.94
C THR B 48 -5.31 -22.09 -28.99
N VAL B 49 -6.06 -22.75 -29.86
CA VAL B 49 -6.88 -22.10 -30.93
C VAL B 49 -8.12 -21.47 -30.29
N PHE B 50 -8.53 -20.28 -30.72
CA PHE B 50 -9.81 -19.65 -30.29
C PHE B 50 -10.62 -19.14 -31.48
N GLN B 51 -10.06 -19.20 -32.70
CA GLN B 51 -10.75 -18.77 -33.95
C GLN B 51 -10.23 -19.60 -35.12
N ARG B 52 -11.14 -20.07 -35.99
CA ARG B 52 -10.75 -20.71 -37.27
C ARG B 52 -11.80 -20.40 -38.34
N ARG B 53 -11.32 -19.92 -39.49
CA ARG B 53 -12.08 -19.88 -40.78
C ARG B 53 -11.39 -20.86 -41.73
N GLU B 54 -12.17 -21.60 -42.53
CA GLU B 54 -11.58 -22.56 -43.51
C GLU B 54 -12.51 -22.87 -44.68
N ASP B 55 -13.83 -22.66 -44.61
CA ASP B 55 -14.72 -23.10 -45.72
C ASP B 55 -16.05 -22.32 -45.79
N GLY B 56 -16.38 -21.45 -44.83
CA GLY B 56 -17.62 -20.65 -44.87
C GLY B 56 -18.83 -21.47 -44.45
N SER B 57 -18.62 -22.61 -43.79
CA SER B 57 -19.71 -23.49 -43.32
C SER B 57 -20.45 -22.83 -42.15
N VAL B 58 -19.80 -21.94 -41.39
CA VAL B 58 -20.36 -21.42 -40.11
C VAL B 58 -20.67 -19.93 -40.26
N ASN B 59 -21.82 -19.51 -39.73
CA ASN B 59 -22.25 -18.09 -39.73
C ASN B 59 -21.48 -17.36 -38.62
N PHE B 60 -20.66 -16.37 -39.02
CA PHE B 60 -19.85 -15.53 -38.10
C PHE B 60 -20.49 -14.15 -37.90
N PHE B 61 -21.62 -13.84 -38.55
CA PHE B 61 -22.34 -12.56 -38.34
C PHE B 61 -23.33 -12.75 -37.19
N ARG B 62 -22.77 -12.95 -35.99
CA ARG B 62 -23.50 -13.33 -34.76
C ARG B 62 -23.49 -12.15 -33.80
N GLY B 63 -24.37 -12.20 -32.80
CA GLY B 63 -24.55 -11.12 -31.82
C GLY B 63 -23.60 -11.26 -30.64
N TRP B 64 -23.76 -10.38 -29.68
CA TRP B 64 -22.92 -10.27 -28.47
C TRP B 64 -22.88 -11.60 -27.69
N ASP B 65 -24.04 -12.20 -27.42
CA ASP B 65 -24.14 -13.43 -26.59
C ASP B 65 -23.30 -14.54 -27.24
N ALA B 66 -23.43 -14.69 -28.55
CA ALA B 66 -22.71 -15.70 -29.36
C ALA B 66 -21.18 -15.46 -29.28
N TYR B 67 -20.73 -14.22 -29.35
CA TYR B 67 -19.27 -13.88 -29.29
C TYR B 67 -18.75 -14.04 -27.85
N ARG B 68 -19.63 -13.91 -26.85
CA ARG B 68 -19.28 -14.17 -25.42
C ARG B 68 -19.15 -15.69 -25.20
N ASP B 69 -20.12 -16.46 -25.68
CA ASP B 69 -20.30 -17.88 -25.29
C ASP B 69 -19.61 -18.82 -26.29
N GLY B 70 -19.29 -18.35 -27.49
CA GLY B 70 -18.66 -19.16 -28.55
C GLY B 70 -19.67 -19.88 -29.41
N PHE B 71 -19.24 -20.34 -30.59
CA PHE B 71 -20.09 -21.02 -31.57
C PHE B 71 -19.21 -21.84 -32.50
N GLY B 72 -19.83 -22.72 -33.30
CA GLY B 72 -19.15 -23.60 -34.25
C GLY B 72 -18.60 -24.82 -33.54
N ARG B 73 -17.72 -25.55 -34.22
CA ARG B 73 -17.16 -26.82 -33.73
C ARG B 73 -15.64 -26.71 -33.67
N LEU B 74 -15.06 -27.29 -32.64
CA LEU B 74 -13.59 -27.20 -32.35
C LEU B 74 -12.78 -27.84 -33.48
N THR B 75 -13.33 -28.83 -34.18
CA THR B 75 -12.68 -29.55 -35.31
C THR B 75 -12.86 -28.81 -36.64
N GLY B 76 -13.61 -27.71 -36.65
CA GLY B 76 -13.84 -26.94 -37.89
C GLY B 76 -13.82 -25.45 -37.63
N GLU B 77 -14.70 -24.72 -38.29
CA GLU B 77 -14.80 -23.25 -38.10
C GLU B 77 -15.41 -23.01 -36.72
N HIS B 78 -14.82 -22.12 -35.93
CA HIS B 78 -15.35 -21.81 -34.59
C HIS B 78 -14.81 -20.50 -34.06
N TRP B 79 -15.51 -20.04 -33.03
CA TRP B 79 -15.12 -18.94 -32.11
C TRP B 79 -15.27 -19.50 -30.69
N LEU B 80 -14.19 -19.52 -29.91
CA LEU B 80 -14.14 -20.19 -28.60
C LEU B 80 -15.01 -19.43 -27.58
N GLY B 81 -15.20 -18.13 -27.79
CA GLY B 81 -15.99 -17.27 -26.89
C GLY B 81 -15.10 -16.39 -26.04
N LEU B 82 -15.46 -15.11 -25.94
CA LEU B 82 -14.66 -14.09 -25.21
C LEU B 82 -14.54 -14.46 -23.73
N LYS B 83 -15.55 -15.12 -23.12
CA LYS B 83 -15.46 -15.54 -21.70
C LYS B 83 -14.31 -16.55 -21.56
N ARG B 84 -14.10 -17.44 -22.53
CA ARG B 84 -13.01 -18.45 -22.47
C ARG B 84 -11.67 -17.78 -22.82
N ILE B 85 -11.65 -16.83 -23.74
CA ILE B 85 -10.40 -16.15 -24.17
C ILE B 85 -9.92 -15.29 -23.01
N HIS B 86 -10.87 -14.69 -22.28
CA HIS B 86 -10.59 -13.92 -21.04
C HIS B 86 -9.95 -14.84 -20.00
N ALA B 87 -10.56 -16.00 -19.75
CA ALA B 87 -10.12 -16.96 -18.71
C ALA B 87 -8.70 -17.44 -19.04
N LEU B 88 -8.43 -17.71 -20.31
CA LEU B 88 -7.07 -18.14 -20.75
C LEU B 88 -6.08 -16.98 -20.59
N THR B 89 -6.35 -15.81 -21.18
CA THR B 89 -5.30 -14.75 -21.34
C THR B 89 -5.04 -13.99 -20.03
N THR B 90 -5.88 -14.12 -19.00
CA THR B 90 -5.67 -13.45 -17.68
C THR B 90 -4.82 -14.32 -16.75
N GLN B 91 -4.59 -15.60 -17.04
CA GLN B 91 -3.96 -16.56 -16.10
C GLN B 91 -2.43 -16.53 -16.22
N ALA B 92 -1.91 -15.95 -17.31
CA ALA B 92 -0.46 -15.83 -17.61
C ALA B 92 -0.31 -14.80 -18.73
N ALA B 93 0.93 -14.44 -19.08
CA ALA B 93 1.23 -13.56 -20.23
C ALA B 93 1.25 -14.45 -21.49
N TYR B 94 0.33 -14.22 -22.43
CA TYR B 94 0.26 -14.97 -23.71
C TYR B 94 0.75 -14.10 -24.87
N GLU B 95 1.25 -14.82 -25.91
CA GLU B 95 1.41 -14.27 -27.27
C GLU B 95 0.30 -14.84 -28.16
N LEU B 96 0.03 -14.12 -29.24
CA LEU B 96 -0.99 -14.46 -30.27
C LEU B 96 -0.26 -14.79 -31.57
N HIS B 97 -0.62 -15.90 -32.20
CA HIS B 97 -0.17 -16.28 -33.56
C HIS B 97 -1.42 -16.31 -34.44
N VAL B 98 -1.34 -15.68 -35.61
CA VAL B 98 -2.43 -15.66 -36.63
C VAL B 98 -1.85 -16.28 -37.91
N ASP B 99 -2.37 -17.44 -38.33
CA ASP B 99 -2.04 -18.10 -39.61
C ASP B 99 -3.09 -17.69 -40.62
N LEU B 100 -2.66 -17.34 -41.83
CA LEU B 100 -3.53 -16.86 -42.94
C LEU B 100 -3.16 -17.63 -44.20
N GLU B 101 -4.14 -17.96 -45.03
CA GLU B 101 -3.92 -18.47 -46.40
C GLU B 101 -4.92 -17.80 -47.36
N ASP B 102 -4.47 -17.53 -48.58
CA ASP B 102 -5.31 -17.05 -49.71
C ASP B 102 -5.80 -18.28 -50.49
N PHE B 103 -6.50 -18.10 -51.61
CA PHE B 103 -7.02 -19.21 -52.44
C PHE B 103 -5.99 -19.63 -53.50
N GLU B 104 -4.73 -19.22 -53.36
CA GLU B 104 -3.65 -19.44 -54.36
C GLU B 104 -2.45 -20.14 -53.72
N ASN B 105 -2.67 -20.94 -52.67
CA ASN B 105 -1.62 -21.69 -51.92
C ASN B 105 -0.64 -20.71 -51.25
N GLY B 106 -0.98 -19.43 -51.17
CA GLY B 106 -0.22 -18.43 -50.39
C GLY B 106 -0.51 -18.58 -48.90
N THR B 107 0.52 -18.52 -48.07
CA THR B 107 0.41 -18.50 -46.59
C THR B 107 1.23 -17.33 -46.04
N ALA B 108 0.81 -16.80 -44.89
CA ALA B 108 1.51 -15.76 -44.11
C ALA B 108 1.07 -15.90 -42.65
N TYR B 109 1.80 -15.26 -41.73
CA TYR B 109 1.44 -15.26 -40.30
C TYR B 109 1.77 -13.89 -39.70
N ALA B 110 1.06 -13.54 -38.63
CA ALA B 110 1.39 -12.43 -37.73
C ALA B 110 1.53 -13.00 -36.31
N ARG B 111 2.60 -12.61 -35.61
CA ARG B 111 2.87 -12.95 -34.20
C ARG B 111 2.86 -11.66 -33.39
N TYR B 112 2.20 -11.68 -32.23
CA TYR B 112 2.15 -10.55 -31.27
C TYR B 112 2.70 -11.07 -29.94
N GLY B 113 3.79 -10.47 -29.45
CA GLY B 113 4.48 -10.86 -28.21
C GLY B 113 3.57 -10.74 -27.00
N SER B 114 2.54 -9.90 -27.10
CA SER B 114 1.57 -9.65 -26.01
C SER B 114 0.14 -9.67 -26.58
N PHE B 115 -0.77 -10.34 -25.88
CA PHE B 115 -2.19 -10.47 -26.27
C PHE B 115 -3.06 -10.80 -25.06
N GLY B 116 -4.20 -10.11 -24.94
CA GLY B 116 -5.18 -10.38 -23.89
C GLY B 116 -6.49 -9.70 -24.21
N VAL B 117 -7.57 -10.15 -23.56
CA VAL B 117 -8.90 -9.47 -23.64
C VAL B 117 -9.40 -9.25 -22.22
N GLY B 118 -9.81 -8.00 -21.93
CA GLY B 118 -10.32 -7.54 -20.63
C GLY B 118 -9.36 -7.82 -19.47
N LEU B 119 -8.06 -7.66 -19.69
CA LEU B 119 -7.00 -8.17 -18.76
C LEU B 119 -7.18 -7.70 -17.30
N PHE B 120 -7.55 -6.46 -17.05
CA PHE B 120 -7.67 -5.94 -15.66
C PHE B 120 -9.10 -5.51 -15.36
N SER B 121 -10.03 -5.83 -16.27
CA SER B 121 -11.48 -5.52 -16.11
C SER B 121 -12.04 -6.29 -14.91
N VAL B 122 -12.72 -5.60 -14.00
CA VAL B 122 -13.46 -6.25 -12.88
C VAL B 122 -14.64 -6.99 -13.51
N ASP B 123 -15.29 -6.39 -14.50
CA ASP B 123 -16.38 -7.03 -15.28
C ASP B 123 -16.00 -6.96 -16.75
N PRO B 124 -15.26 -7.96 -17.27
CA PRO B 124 -14.76 -7.91 -18.65
C PRO B 124 -15.90 -7.84 -19.69
N GLU B 125 -17.04 -8.47 -19.40
CA GLU B 125 -18.19 -8.46 -20.35
C GLU B 125 -18.74 -7.02 -20.43
N GLU B 126 -19.05 -6.38 -19.30
CA GLU B 126 -19.54 -4.97 -19.30
C GLU B 126 -18.50 -4.06 -20.00
N ASP B 127 -17.22 -4.29 -19.75
CA ASP B 127 -16.10 -3.51 -20.33
C ASP B 127 -15.91 -3.81 -21.81
N GLY B 128 -16.63 -4.80 -22.36
CA GLY B 128 -16.56 -5.18 -23.77
C GLY B 128 -15.27 -5.89 -24.13
N TYR B 129 -14.64 -6.60 -23.19
CA TYR B 129 -13.48 -7.48 -23.45
C TYR B 129 -12.44 -6.75 -24.28
N PRO B 130 -11.95 -5.59 -23.79
CA PRO B 130 -11.04 -4.74 -24.56
C PRO B 130 -9.74 -5.48 -24.92
N LEU B 131 -9.19 -5.16 -26.09
CA LEU B 131 -8.01 -5.85 -26.66
C LEU B 131 -6.74 -5.25 -26.05
N THR B 132 -5.82 -6.12 -25.64
CA THR B 132 -4.39 -5.81 -25.39
C THR B 132 -3.58 -6.55 -26.44
N VAL B 133 -2.79 -5.83 -27.24
CA VAL B 133 -1.92 -6.45 -28.26
C VAL B 133 -0.71 -5.53 -28.50
N ALA B 134 0.47 -6.12 -28.62
CA ALA B 134 1.75 -5.40 -28.79
C ALA B 134 2.80 -6.34 -29.38
N ASP B 135 3.87 -5.75 -29.94
CA ASP B 135 5.14 -6.43 -30.29
C ASP B 135 4.90 -7.37 -31.49
N TYR B 136 4.58 -6.78 -32.64
CA TYR B 136 4.32 -7.50 -33.92
C TYR B 136 5.64 -7.99 -34.51
N SER B 137 5.60 -9.18 -35.10
CA SER B 137 6.55 -9.66 -36.12
C SER B 137 5.84 -10.70 -36.97
N GLY B 138 6.22 -10.84 -38.24
CA GLY B 138 5.72 -11.89 -39.14
C GLY B 138 5.80 -11.50 -40.60
N THR B 139 5.15 -12.28 -41.46
CA THR B 139 5.19 -12.15 -42.94
C THR B 139 3.87 -11.58 -43.50
N ALA B 140 2.81 -11.46 -42.69
CA ALA B 140 1.48 -11.00 -43.17
C ALA B 140 1.36 -9.49 -43.04
N GLY B 141 2.34 -8.86 -42.38
CA GLY B 141 2.24 -7.45 -41.99
C GLY B 141 1.31 -7.29 -40.81
N ASP B 142 1.42 -6.17 -40.11
CA ASP B 142 0.58 -5.88 -38.94
C ASP B 142 -0.77 -5.37 -39.44
N SER B 143 -1.87 -5.94 -38.97
CA SER B 143 -3.24 -5.39 -39.17
C SER B 143 -4.03 -5.43 -37.86
N LEU B 144 -3.35 -5.48 -36.70
CA LEU B 144 -4.03 -5.59 -35.39
C LEU B 144 -3.62 -4.48 -34.40
N LEU B 145 -2.38 -3.96 -34.44
CA LEU B 145 -1.90 -2.99 -33.40
C LEU B 145 -2.81 -1.77 -33.30
N LYS B 146 -3.36 -1.29 -34.42
CA LYS B 146 -4.27 -0.10 -34.46
C LYS B 146 -5.58 -0.41 -33.70
N HIS B 147 -5.90 -1.69 -33.47
CA HIS B 147 -7.11 -2.15 -32.73
C HIS B 147 -6.85 -2.19 -31.22
N SER B 148 -5.60 -2.01 -30.78
CA SER B 148 -5.21 -2.06 -29.34
C SER B 148 -6.05 -1.07 -28.54
N GLY B 149 -6.60 -1.52 -27.41
CA GLY B 149 -7.40 -0.70 -26.48
C GLY B 149 -8.88 -0.64 -26.86
N MET B 150 -9.30 -1.18 -28.00
CA MET B 150 -10.70 -1.10 -28.46
C MET B 150 -11.52 -2.21 -27.76
N ARG B 151 -12.79 -1.93 -27.49
CA ARG B 151 -13.78 -2.90 -26.98
C ARG B 151 -14.21 -3.77 -28.17
N PHE B 152 -14.74 -4.96 -27.90
CA PHE B 152 -15.29 -5.85 -28.95
C PHE B 152 -16.68 -5.33 -29.31
N THR B 153 -16.97 -5.19 -30.61
CA THR B 153 -18.24 -4.67 -31.16
C THR B 153 -18.89 -5.75 -32.03
N THR B 154 -20.19 -5.95 -31.83
CA THR B 154 -21.07 -6.85 -32.63
C THR B 154 -22.21 -6.01 -33.22
N LYS B 155 -22.94 -6.59 -34.16
CA LYS B 155 -24.09 -5.95 -34.86
C LYS B 155 -25.14 -5.43 -33.86
N ASP B 156 -25.14 -5.92 -32.61
CA ASP B 156 -26.16 -5.57 -31.59
C ASP B 156 -25.52 -4.90 -30.36
N ARG B 157 -24.22 -4.59 -30.38
CA ARG B 157 -23.54 -3.85 -29.27
C ARG B 157 -22.40 -3.00 -29.85
N ASP B 158 -22.61 -1.69 -29.94
CA ASP B 158 -21.67 -0.71 -30.56
C ASP B 158 -20.80 -0.09 -29.47
N SER B 159 -19.48 -0.35 -29.52
CA SER B 159 -18.46 0.25 -28.61
C SER B 159 -17.27 0.78 -29.43
N ASP B 160 -17.45 0.98 -30.74
CA ASP B 160 -16.37 1.39 -31.67
C ASP B 160 -16.31 2.93 -31.70
N HIS B 161 -15.36 3.49 -32.46
CA HIS B 161 -15.11 4.95 -32.56
C HIS B 161 -15.69 5.50 -33.86
N SER B 162 -16.61 4.76 -34.50
CA SER B 162 -17.27 5.13 -35.77
C SER B 162 -18.65 5.73 -35.50
N GLU B 163 -19.12 6.60 -36.40
CA GLU B 163 -20.50 7.15 -36.38
C GLU B 163 -21.49 6.01 -36.60
N ASN B 164 -21.10 5.01 -37.39
CA ASN B 164 -21.88 3.78 -37.71
C ASN B 164 -21.59 2.68 -36.69
N ASN B 165 -22.23 1.52 -36.85
CA ASN B 165 -21.82 0.22 -36.24
C ASN B 165 -20.89 -0.48 -37.23
N CYS B 166 -19.60 -0.60 -36.90
CA CYS B 166 -18.55 -1.16 -37.80
C CYS B 166 -18.85 -2.63 -38.09
N ALA B 167 -19.36 -3.37 -37.09
CA ALA B 167 -19.72 -4.81 -37.19
C ALA B 167 -20.82 -4.99 -38.26
N ALA B 168 -21.91 -4.21 -38.15
CA ALA B 168 -23.00 -4.17 -39.16
C ALA B 168 -22.42 -3.81 -40.53
N PHE B 169 -21.60 -2.74 -40.61
CA PHE B 169 -21.11 -2.17 -41.88
C PHE B 169 -20.21 -3.18 -42.62
N TYR B 170 -19.24 -3.79 -41.92
CA TYR B 170 -18.22 -4.71 -42.51
C TYR B 170 -18.55 -6.18 -42.16
N ARG B 171 -19.80 -6.43 -41.73
CA ARG B 171 -20.44 -7.77 -41.66
C ARG B 171 -19.57 -8.76 -40.87
N GLY B 172 -19.11 -8.34 -39.69
CA GLY B 172 -18.36 -9.21 -38.77
C GLY B 172 -18.54 -8.80 -37.32
N ALA B 173 -17.52 -9.07 -36.51
CA ALA B 173 -17.43 -8.75 -35.07
C ALA B 173 -15.95 -8.73 -34.72
N TRP B 174 -15.52 -7.69 -34.01
CA TRP B 174 -14.07 -7.39 -33.90
C TRP B 174 -13.91 -6.25 -32.90
N TRP B 175 -12.67 -5.98 -32.52
CA TRP B 175 -12.30 -4.84 -31.67
C TRP B 175 -12.16 -3.60 -32.58
N TYR B 176 -13.27 -3.14 -33.17
CA TYR B 176 -13.28 -2.11 -34.23
C TYR B 176 -12.88 -0.76 -33.63
N ARG B 177 -12.14 0.04 -34.42
CA ARG B 177 -11.85 1.47 -34.15
C ARG B 177 -12.78 2.31 -35.03
N ASN B 178 -12.34 2.68 -36.24
CA ASN B 178 -13.14 3.48 -37.20
C ASN B 178 -12.60 3.25 -38.61
N CYS B 179 -12.71 2.01 -39.14
CA CYS B 179 -13.32 0.86 -38.49
C CYS B 179 -12.28 -0.24 -38.25
N HIS B 180 -11.56 -0.68 -39.29
CA HIS B 180 -10.65 -1.85 -39.17
C HIS B 180 -9.48 -1.82 -40.16
N THR B 181 -8.38 -2.49 -39.79
CA THR B 181 -7.31 -2.98 -40.69
C THR B 181 -7.42 -4.52 -40.84
N SER B 182 -8.04 -5.21 -39.88
CA SER B 182 -8.29 -6.69 -39.95
C SER B 182 -9.76 -6.97 -39.65
N ASN B 183 -10.31 -8.06 -40.21
CA ASN B 183 -11.74 -8.42 -40.12
C ASN B 183 -11.91 -9.93 -40.25
N LEU B 184 -11.23 -10.73 -39.41
CA LEU B 184 -11.14 -12.19 -39.64
C LEU B 184 -12.47 -12.89 -39.30
N ASN B 185 -13.42 -12.19 -38.66
CA ASN B 185 -14.77 -12.73 -38.36
C ASN B 185 -15.79 -12.18 -39.36
N GLY B 186 -15.35 -11.67 -40.50
CA GLY B 186 -16.23 -11.13 -41.56
C GLY B 186 -16.81 -12.24 -42.42
N GLN B 187 -17.52 -11.86 -43.48
CA GLN B 187 -18.21 -12.79 -44.39
C GLN B 187 -17.18 -13.60 -45.17
N TYR B 188 -17.44 -14.89 -45.38
CA TYR B 188 -16.57 -15.79 -46.16
C TYR B 188 -16.86 -15.57 -47.66
N LEU B 189 -16.31 -14.51 -48.25
CA LEU B 189 -16.70 -14.03 -49.61
C LEU B 189 -15.85 -14.71 -50.69
N ARG B 190 -14.80 -15.45 -50.31
CA ARG B 190 -13.99 -16.32 -51.21
C ARG B 190 -13.17 -15.46 -52.19
N GLY B 191 -12.01 -14.96 -51.75
CA GLY B 191 -11.03 -14.26 -52.60
C GLY B 191 -11.52 -12.89 -53.01
N ALA B 192 -11.23 -12.47 -54.24
CA ALA B 192 -11.52 -11.11 -54.75
C ALA B 192 -13.03 -10.87 -54.69
N HIS B 193 -13.45 -9.72 -54.14
CA HIS B 193 -14.87 -9.31 -54.06
C HIS B 193 -14.97 -7.80 -54.29
N ALA B 194 -16.11 -7.35 -54.83
CA ALA B 194 -16.37 -5.96 -55.26
C ALA B 194 -16.62 -5.07 -54.02
N SER B 195 -17.37 -5.58 -53.03
CA SER B 195 -17.67 -4.87 -51.76
C SER B 195 -16.35 -4.52 -51.05
N TYR B 196 -16.32 -3.39 -50.34
CA TYR B 196 -15.12 -2.87 -49.62
C TYR B 196 -15.04 -3.51 -48.22
N ALA B 197 -14.01 -4.32 -47.98
CA ALA B 197 -13.44 -4.67 -46.65
C ALA B 197 -14.46 -5.40 -45.75
N ASP B 198 -15.42 -6.14 -46.30
CA ASP B 198 -16.51 -6.78 -45.50
C ASP B 198 -16.35 -8.31 -45.49
N GLY B 199 -15.25 -8.83 -46.02
CA GLY B 199 -14.91 -10.27 -46.02
C GLY B 199 -13.96 -10.64 -44.88
N VAL B 200 -13.30 -11.78 -44.99
CA VAL B 200 -12.23 -12.23 -44.06
C VAL B 200 -10.94 -11.51 -44.46
N GLU B 201 -10.74 -10.27 -44.01
CA GLU B 201 -9.66 -9.38 -44.52
C GLU B 201 -8.50 -9.34 -43.51
N TRP B 202 -7.27 -9.46 -44.02
CA TRP B 202 -6.03 -9.02 -43.35
C TRP B 202 -5.36 -7.97 -44.24
N SER B 203 -5.73 -6.69 -44.07
CA SER B 203 -5.51 -5.58 -45.04
C SER B 203 -4.04 -5.51 -45.44
N SER B 204 -3.12 -5.54 -44.47
CA SER B 204 -1.65 -5.43 -44.68
C SER B 204 -1.13 -6.57 -45.56
N TRP B 205 -1.88 -7.66 -45.77
CA TRP B 205 -1.44 -8.78 -46.64
C TRP B 205 -2.16 -8.77 -47.99
N THR B 206 -3.48 -9.00 -48.02
CA THR B 206 -4.27 -9.22 -49.27
C THR B 206 -5.19 -8.02 -49.55
N GLY B 207 -5.11 -6.96 -48.74
CA GLY B 207 -5.82 -5.68 -49.00
C GLY B 207 -7.26 -5.71 -48.52
N TRP B 208 -8.08 -4.80 -49.06
CA TRP B 208 -9.46 -4.45 -48.60
C TRP B 208 -10.53 -5.12 -49.45
N GLN B 209 -10.14 -5.87 -50.48
CA GLN B 209 -11.09 -6.51 -51.43
C GLN B 209 -10.68 -7.97 -51.67
N TYR B 210 -10.09 -8.64 -50.67
CA TYR B 210 -9.76 -10.10 -50.73
C TYR B 210 -10.14 -10.79 -49.42
N SER B 211 -11.11 -11.71 -49.50
CA SER B 211 -11.60 -12.57 -48.39
C SER B 211 -10.77 -13.85 -48.34
N LEU B 212 -9.99 -14.03 -47.26
CA LEU B 212 -9.00 -15.13 -47.13
C LEU B 212 -9.72 -16.47 -47.09
N LYS B 213 -9.00 -17.54 -47.46
CA LYS B 213 -9.50 -18.93 -47.46
C LYS B 213 -9.47 -19.50 -46.03
N PHE B 214 -8.43 -19.18 -45.27
CA PHE B 214 -8.13 -19.81 -43.96
C PHE B 214 -7.56 -18.76 -43.01
N SER B 215 -8.07 -18.75 -41.78
CA SER B 215 -7.43 -18.06 -40.63
C SER B 215 -7.50 -18.96 -39.40
N GLU B 216 -6.47 -18.89 -38.56
CA GLU B 216 -6.50 -19.44 -37.19
C GLU B 216 -5.86 -18.40 -36.29
N MET B 217 -6.54 -18.06 -35.19
CA MET B 217 -5.95 -17.26 -34.10
C MET B 217 -5.76 -18.18 -32.91
N LYS B 218 -4.58 -18.14 -32.29
CA LYS B 218 -4.14 -19.10 -31.25
C LYS B 218 -3.14 -18.42 -30.32
N ILE B 219 -3.03 -18.92 -29.09
CA ILE B 219 -2.26 -18.28 -27.99
C ILE B 219 -1.34 -19.30 -27.32
N ARG B 220 -0.23 -18.79 -26.78
CA ARG B 220 0.77 -19.62 -26.05
C ARG B 220 1.45 -18.73 -25.02
N PRO B 221 1.65 -19.21 -23.77
CA PRO B 221 2.36 -18.43 -22.76
C PRO B 221 3.77 -18.06 -23.26
N VAL B 222 4.24 -16.85 -22.97
CA VAL B 222 5.63 -16.40 -23.31
C VAL B 222 6.54 -16.75 -22.14
C1 NAG C . 1.27 -6.78 24.57
C2 NAG C . 0.59 -8.03 24.03
C3 NAG C . -0.54 -8.45 24.99
C4 NAG C . -0.02 -8.58 26.42
C5 NAG C . 1.01 -7.52 26.84
C6 NAG C . 1.90 -8.04 27.98
C7 NAG C . -0.51 -6.89 22.09
C8 NAG C . -0.58 -6.90 20.59
N2 NAG C . 0.20 -7.89 22.62
O3 NAG C . -1.04 -9.75 24.63
O4 NAG C . -1.14 -8.51 27.31
O5 NAG C . 1.90 -7.15 25.79
O6 NAG C . 1.31 -7.70 29.23
O7 NAG C . -1.05 -6.01 22.74
C1 FUC C . -2.34 -9.72 24.01
C2 FUC C . -2.58 -10.98 23.18
C3 FUC C . -2.63 -12.21 24.08
C4 FUC C . -3.68 -12.04 25.19
C5 FUC C . -3.56 -10.67 25.88
C6 FUC C . -4.75 -10.37 26.78
O2 FUC C . -1.56 -11.16 22.18
O3 FUC C . -2.93 -13.37 23.30
O4 FUC C . -5.00 -12.26 24.64
O5 FUC C . -3.41 -9.58 24.96
CA CA D . 2.05 32.48 24.21
S SO4 E . -6.73 22.57 37.52
O1 SO4 E . -7.12 21.58 36.56
O2 SO4 E . -5.39 22.31 37.99
O3 SO4 E . -6.79 23.88 36.94
O4 SO4 E . -7.63 22.51 38.65
C1 GOL F . 4.77 0.47 38.68
O1 GOL F . 3.99 0.19 39.84
C2 GOL F . 4.10 -0.02 37.42
O2 GOL F . 3.39 1.05 36.80
C3 GOL F . 5.06 -0.63 36.42
O3 GOL F . 5.41 0.29 35.39
C1 ASG G . 5.53 21.35 13.92
C2 ASG G . 4.60 22.34 14.60
C3 ASG G . 3.69 23.04 13.58
C4 ASG G . 4.54 23.64 12.46
C5 ASG G . 5.32 22.50 11.82
C6 ASG G . 6.10 22.93 10.57
C7 ASG G . 3.72 22.02 16.89
C8 ASG G . 2.87 21.12 17.75
O1 ASG G . 6.52 20.89 14.87
N2 ASG G . 3.80 21.65 15.61
O3 ASG G . 2.87 24.03 14.22
O4 ASG G . 5.44 24.63 12.98
O5 ASG G . 6.21 21.94 12.79
O6 ASG G . 7.08 23.93 10.89
O7 ASG G . 4.31 22.98 17.36
OSA ASG G . 3.74 26.34 13.38
OSB ASG G . 5.37 26.72 11.73
OSC ASG G . 6.06 26.88 14.13
S ASG G . 5.12 26.14 13.03
CA CA H . -20.30 3.40 -33.51
S SO4 I . -27.48 -13.95 -33.27
O1 SO4 I . -28.49 -14.96 -33.30
O2 SO4 I . -26.29 -14.45 -32.63
O3 SO4 I . -27.17 -13.54 -34.60
O4 SO4 I . -27.97 -12.82 -32.52
S SO4 J . -10.16 6.98 -33.43
O1 SO4 J . -9.79 5.99 -32.44
O2 SO4 J . -8.99 7.71 -33.81
O3 SO4 J . -10.73 6.33 -34.57
O4 SO4 J . -11.13 7.88 -32.86
C ACY K . -11.82 0.69 -42.76
O ACY K . -11.05 1.34 -43.50
OXT ACY K . -12.21 1.07 -41.64
CH3 ACY K . -12.30 -0.67 -43.27
#